data_6HAI
#
_entry.id   6HAI
#
_cell.length_a   53.260
_cell.length_b   123.497
_cell.length_c   161.171
_cell.angle_alpha   90.00
_cell.angle_beta   90.00
_cell.angle_gamma   90.00
#
_symmetry.space_group_name_H-M   'C 2 2 21'
#
loop_
_entity.id
_entity.type
_entity.pdbx_description
1 polymer 'Albicidin resistance protein'
2 non-polymer 'SULFATE ION'
3 non-polymer '4-[[4-[[4-[(3~{S})-3-[[4-[[(~{E})-3-(4-hydroxyphenyl)-2-methyl-prop-2-enoyl]amino]phenyl]carbonylamino]-2,5-bis(oxidanylidene)pyrrolidin-1-yl]phenyl]carbonylamino]-3-methoxy-2-oxidanyl-phenyl]carbonylamino]-3-methoxy-2-oxidanyl-benzoic acid'
4 water water
#
_entity_poly.entity_id   1
_entity_poly.type   'polypeptide(L)'
_entity_poly.pdbx_seq_one_letter_code
;GSMKMYDRWFSQQELQVLPFAEQDEQRNQTWLELVGEAQQLMDERCPADEPRAIALATRWMEQLEQDTAGRPEFLTRLNE
MHAAEPQMREQTGVTPEMIDFITRAFAESKLAIWARYLNDEELAFTRQHYFDRLAEWPALVADLHRACREKRDPASPGGQ
QLAQRWLALFQSYAGKDAQTQQKFRYAMEQEPHLMKGTWMTSEVLSWLQQAIGVMMRQAQGLPPNN
;
_entity_poly.pdbx_strand_id   A,B
#
# COMPACT_ATOMS: atom_id res chain seq x y z
N MET A 5 7.61 8.21 -26.09
CA MET A 5 7.63 7.68 -24.72
C MET A 5 6.55 6.61 -24.55
N TYR A 6 5.31 6.99 -24.85
CA TYR A 6 4.21 6.03 -24.80
C TYR A 6 4.47 4.83 -25.71
N ASP A 7 5.22 5.04 -26.80
CA ASP A 7 5.50 3.94 -27.73
C ASP A 7 6.23 2.80 -27.03
N ARG A 8 7.05 3.10 -26.02
CA ARG A 8 7.77 2.06 -25.31
C ARG A 8 6.85 1.20 -24.46
N TRP A 9 5.60 1.61 -24.23
CA TRP A 9 4.71 0.90 -23.32
C TRP A 9 3.36 0.56 -23.92
N PHE A 10 2.92 1.24 -24.98
CA PHE A 10 1.66 0.93 -25.65
C PHE A 10 1.95 0.59 -27.11
N SER A 11 1.28 -0.44 -27.60
CA SER A 11 1.34 -0.73 -29.03
C SER A 11 0.72 0.41 -29.81
N GLN A 12 1.11 0.52 -31.08
CA GLN A 12 0.56 1.57 -31.92
C GLN A 12 -0.91 1.36 -32.20
N GLN A 13 -1.43 0.14 -32.06
CA GLN A 13 -2.86 -0.08 -32.13
C GLN A 13 -3.55 0.43 -30.87
N GLU A 14 -2.91 0.24 -29.71
CA GLU A 14 -3.46 0.76 -28.46
C GLU A 14 -3.41 2.29 -28.44
N LEU A 15 -2.32 2.88 -28.93
CA LEU A 15 -2.21 4.34 -28.96
C LEU A 15 -3.34 4.99 -29.75
N GLN A 16 -3.97 4.26 -30.67
CA GLN A 16 -5.09 4.81 -31.42
C GLN A 16 -6.29 5.05 -30.50
N VAL A 17 -6.50 4.20 -29.51
CA VAL A 17 -7.64 4.29 -28.61
C VAL A 17 -7.27 4.84 -27.25
N LEU A 18 -6.03 5.27 -27.05
CA LEU A 18 -5.59 5.79 -25.77
C LEU A 18 -5.65 7.31 -25.80
N PRO A 19 -6.62 7.94 -25.14
CA PRO A 19 -6.74 9.41 -25.25
C PRO A 19 -5.49 10.17 -24.86
N PHE A 20 -4.60 9.55 -24.13
CA PHE A 20 -3.40 10.27 -23.67
C PHE A 20 -2.53 10.67 -24.86
N ALA A 21 -2.50 9.84 -25.91
CA ALA A 21 -1.70 10.01 -27.14
C ALA A 21 -2.13 11.19 -28.02
N GLU A 22 -3.44 11.39 -28.20
CA GLU A 22 -3.95 12.47 -29.08
C GLU A 22 -3.57 13.86 -28.57
N GLN A 23 -3.35 14.79 -29.48
CA GLN A 23 -3.02 16.17 -29.05
C GLN A 23 -4.35 16.93 -29.08
N ASP A 24 -4.81 17.41 -27.91
CA ASP A 24 -6.16 18.05 -27.83
C ASP A 24 -6.18 19.44 -27.22
N GLU A 25 -5.23 19.76 -26.34
CA GLU A 25 -5.11 21.04 -25.58
C GLU A 25 -6.12 21.07 -24.41
N GLN A 26 -7.41 20.91 -24.66
CA GLN A 26 -8.37 20.87 -23.55
C GLN A 26 -8.01 19.67 -22.67
N ARG A 27 -7.71 18.54 -23.26
CA ARG A 27 -7.23 17.39 -22.46
C ARG A 27 -5.88 17.72 -21.80
N ASN A 28 -4.95 18.37 -22.48
CA ASN A 28 -3.62 18.67 -21.88
C ASN A 28 -3.73 19.73 -20.78
N GLN A 29 -4.46 20.78 -21.06
CA GLN A 29 -4.74 21.91 -20.15
C GLN A 29 -5.45 21.36 -18.91
N THR A 30 -6.33 20.40 -19.07
CA THR A 30 -7.05 19.76 -17.95
C THR A 30 -6.06 19.10 -17.01
N TRP A 31 -5.04 18.41 -17.52
CA TRP A 31 -4.07 17.75 -16.67
C TRP A 31 -2.99 18.70 -16.18
N LEU A 32 -2.68 19.74 -16.95
CA LEU A 32 -1.81 20.80 -16.43
C LEU A 32 -2.45 21.45 -15.21
N GLU A 33 -3.77 21.62 -15.22
CA GLU A 33 -4.47 22.21 -14.08
C GLU A 33 -4.54 21.25 -12.91
N LEU A 34 -4.89 19.99 -13.17
CA LEU A 34 -5.02 19.03 -12.09
C LEU A 34 -3.69 18.79 -11.38
N VAL A 35 -2.59 18.71 -12.15
CA VAL A 35 -1.29 18.46 -11.55
C VAL A 35 -0.80 19.69 -10.81
N GLY A 36 -0.91 20.86 -11.44
CA GLY A 36 -0.49 22.08 -10.78
C GLY A 36 -1.20 22.31 -9.47
N GLU A 37 -2.49 21.98 -9.41
CA GLU A 37 -3.26 22.18 -8.18
C GLU A 37 -2.90 21.14 -7.12
N ALA A 38 -2.58 19.91 -7.53
CA ALA A 38 -2.14 18.91 -6.56
C ALA A 38 -0.82 19.33 -5.91
N GLN A 39 0.12 19.84 -6.71
CA GLN A 39 1.39 20.27 -6.15
C GLN A 39 1.23 21.48 -5.24
N GLN A 40 0.25 22.34 -5.52
CA GLN A 40 0.03 23.50 -4.67
C GLN A 40 -0.50 23.09 -3.30
N LEU A 41 -1.47 22.18 -3.27
CA LEU A 41 -1.96 21.67 -2.00
C LEU A 41 -0.84 21.01 -1.20
N MET A 42 0.01 20.23 -1.87
CA MET A 42 1.11 19.59 -1.18
C MET A 42 2.10 20.61 -0.61
N ASP A 43 2.37 21.66 -1.38
CA ASP A 43 3.27 22.71 -0.90
C ASP A 43 2.70 23.39 0.35
N GLU A 44 1.39 23.60 0.38
CA GLU A 44 0.72 24.20 1.52
C GLU A 44 0.50 23.21 2.67
N ARG A 45 1.03 21.99 2.56
CA ARG A 45 0.85 20.96 3.58
C ARG A 45 -0.62 20.62 3.77
N CYS A 46 -1.40 20.73 2.71
CA CYS A 46 -2.83 20.46 2.80
C CYS A 46 -3.05 18.98 3.11
N PRO A 47 -3.78 18.63 4.16
CA PRO A 47 -4.06 17.22 4.43
C PRO A 47 -5.00 16.62 3.39
N ALA A 48 -4.92 15.29 3.27
CA ALA A 48 -5.69 14.60 2.25
C ALA A 48 -7.19 14.61 2.55
N ASP A 49 -7.57 14.73 3.82
CA ASP A 49 -8.97 14.79 4.20
C ASP A 49 -9.52 16.21 4.17
N GLU A 50 -8.92 17.10 3.37
CA GLU A 50 -9.41 18.46 3.21
C GLU A 50 -10.36 18.53 2.01
N PRO A 51 -11.48 19.24 2.14
CA PRO A 51 -12.45 19.26 1.02
C PRO A 51 -11.82 19.58 -0.33
N ARG A 52 -10.92 20.55 -0.38
CA ARG A 52 -10.21 20.84 -1.63
C ARG A 52 -9.46 19.60 -2.12
N ALA A 53 -8.74 18.93 -1.22
CA ALA A 53 -8.00 17.74 -1.60
C ALA A 53 -8.94 16.64 -2.07
N ILE A 54 -10.03 16.41 -1.33
CA ILE A 54 -10.99 15.38 -1.70
C ILE A 54 -11.59 15.69 -3.07
N ALA A 55 -12.06 16.93 -3.25
CA ALA A 55 -12.68 17.32 -4.52
C ALA A 55 -11.71 17.13 -5.68
N LEU A 56 -10.44 17.54 -5.50
CA LEU A 56 -9.45 17.36 -6.54
C LEU A 56 -9.24 15.87 -6.83
N ALA A 57 -9.16 15.04 -5.78
CA ALA A 57 -8.90 13.62 -5.99
C ALA A 57 -10.02 12.97 -6.78
N THR A 58 -11.27 13.33 -6.48
CA THR A 58 -12.40 12.78 -7.22
C THR A 58 -12.34 13.17 -8.69
N ARG A 59 -12.14 14.46 -8.98
CA ARG A 59 -11.97 14.89 -10.35
C ARG A 59 -10.79 14.17 -11.01
N TRP A 60 -9.74 13.91 -10.23
CA TRP A 60 -8.57 13.23 -10.77
C TRP A 60 -8.93 11.83 -11.26
N MET A 61 -9.70 11.08 -10.46
CA MET A 61 -10.06 9.72 -10.83
C MET A 61 -11.06 9.71 -11.97
N GLU A 62 -11.99 10.68 -11.99
CA GLU A 62 -12.91 10.79 -13.10
C GLU A 62 -12.17 11.01 -14.41
N GLN A 63 -11.24 11.96 -14.42
CA GLN A 63 -10.51 12.28 -15.64
C GLN A 63 -9.60 11.13 -16.05
N LEU A 64 -9.00 10.44 -15.08
CA LEU A 64 -8.09 9.34 -15.40
C LEU A 64 -8.84 8.18 -16.03
N GLU A 65 -10.06 7.91 -15.57
CA GLU A 65 -10.85 6.84 -16.16
C GLU A 65 -11.29 7.21 -17.58
N GLN A 66 -11.61 8.49 -17.80
CA GLN A 66 -11.98 8.94 -19.14
C GLN A 66 -10.81 8.80 -20.11
N ASP A 67 -9.63 9.25 -19.69
CA ASP A 67 -8.47 9.29 -20.57
C ASP A 67 -7.73 7.96 -20.66
N THR A 68 -8.21 6.93 -19.98
CA THR A 68 -7.77 5.56 -20.24
C THR A 68 -8.82 4.77 -21.02
N ALA A 69 -9.86 5.45 -21.52
CA ALA A 69 -10.95 4.81 -22.25
C ALA A 69 -11.66 3.77 -21.39
N GLY A 70 -11.68 3.98 -20.07
CA GLY A 70 -12.28 3.02 -19.17
C GLY A 70 -11.63 1.66 -19.21
N ARG A 71 -10.40 1.57 -19.72
CA ARG A 71 -9.70 0.30 -19.84
C ARG A 71 -8.74 0.15 -18.66
N PRO A 72 -9.02 -0.72 -17.69
CA PRO A 72 -8.07 -0.89 -16.58
C PRO A 72 -6.70 -1.38 -17.02
N GLU A 73 -6.61 -2.08 -18.15
CA GLU A 73 -5.31 -2.55 -18.62
C GLU A 73 -4.39 -1.38 -18.97
N PHE A 74 -4.97 -0.24 -19.38
CA PHE A 74 -4.17 0.95 -19.58
C PHE A 74 -3.78 1.61 -18.27
N LEU A 75 -4.65 1.54 -17.25
CA LEU A 75 -4.29 2.03 -15.93
C LEU A 75 -3.08 1.26 -15.38
N THR A 76 -3.13 -0.07 -15.47
CA THR A 76 -2.00 -0.86 -14.99
C THR A 76 -0.73 -0.55 -15.77
N ARG A 77 -0.87 -0.17 -17.04
CA ARG A 77 0.30 0.18 -17.85
C ARG A 77 0.94 1.47 -17.37
N LEU A 78 0.12 2.48 -17.05
CA LEU A 78 0.66 3.74 -16.55
C LEU A 78 1.39 3.55 -15.23
N ASN A 79 0.87 2.70 -14.35
CA ASN A 79 1.54 2.41 -13.09
C ASN A 79 2.88 1.72 -13.34
N GLU A 80 2.95 0.84 -14.34
CA GLU A 80 4.23 0.28 -14.75
C GLU A 80 5.19 1.40 -15.15
N MET A 81 4.70 2.39 -15.89
CA MET A 81 5.55 3.48 -16.34
C MET A 81 6.03 4.32 -15.16
N HIS A 82 5.13 4.69 -14.25
CA HIS A 82 5.53 5.49 -13.10
C HIS A 82 6.64 4.82 -12.29
N ALA A 83 6.65 3.49 -12.25
CA ALA A 83 7.68 2.78 -11.51
C ALA A 83 8.94 2.57 -12.34
N ALA A 84 8.81 2.33 -13.64
CA ALA A 84 9.92 1.93 -14.47
C ALA A 84 10.44 3.02 -15.40
N GLU A 85 9.63 4.01 -15.76
CA GLU A 85 10.07 5.04 -16.68
C GLU A 85 10.70 6.20 -15.90
N PRO A 86 11.97 6.52 -16.14
CA PRO A 86 12.55 7.72 -15.51
C PRO A 86 11.98 9.01 -16.08
N GLN A 87 11.44 8.99 -17.30
CA GLN A 87 10.91 10.20 -17.91
C GLN A 87 9.53 10.58 -17.39
N MET A 88 8.82 9.67 -16.72
CA MET A 88 7.47 9.96 -16.29
C MET A 88 7.43 11.21 -15.42
N ARG A 89 8.32 11.30 -14.42
CA ARG A 89 8.32 12.44 -13.52
C ARG A 89 8.48 13.75 -14.29
N GLU A 90 9.46 13.82 -15.19
CA GLU A 90 9.73 15.05 -15.93
C GLU A 90 8.70 15.29 -17.03
N GLN A 91 8.20 14.23 -17.66
CA GLN A 91 7.30 14.39 -18.81
C GLN A 91 5.90 14.81 -18.39
N THR A 92 5.41 14.30 -17.26
CA THR A 92 4.04 14.53 -16.85
C THR A 92 3.89 15.40 -15.61
N GLY A 93 4.96 15.65 -14.88
CA GLY A 93 4.87 16.36 -13.62
C GLY A 93 4.20 15.60 -12.50
N VAL A 94 3.84 14.33 -12.72
CA VAL A 94 3.20 13.50 -11.72
C VAL A 94 4.28 12.69 -11.01
N THR A 95 4.44 12.91 -9.71
CA THR A 95 5.44 12.21 -8.91
C THR A 95 4.79 11.08 -8.13
N PRO A 96 5.58 10.10 -7.69
CA PRO A 96 5.01 9.05 -6.82
C PRO A 96 4.41 9.62 -5.55
N GLU A 97 5.03 10.66 -4.99
CA GLU A 97 4.48 11.31 -3.81
C GLU A 97 3.12 11.94 -4.12
N MET A 98 2.97 12.48 -5.33
CA MET A 98 1.69 13.08 -5.72
C MET A 98 0.61 12.02 -5.83
N ILE A 99 0.93 10.85 -6.40
CA ILE A 99 -0.03 9.77 -6.50
C ILE A 99 -0.46 9.31 -5.11
N ASP A 100 0.48 9.22 -4.17
CA ASP A 100 0.14 8.84 -2.81
C ASP A 100 -0.82 9.84 -2.18
N PHE A 101 -0.63 11.14 -2.48
CA PHE A 101 -1.53 12.16 -1.96
C PHE A 101 -2.93 12.00 -2.55
N ILE A 102 -3.04 11.85 -3.87
CA ILE A 102 -4.34 11.69 -4.50
C ILE A 102 -5.01 10.41 -4.01
N THR A 103 -4.25 9.32 -3.89
CA THR A 103 -4.80 8.07 -3.41
C THR A 103 -5.41 8.23 -2.02
N ARG A 104 -4.69 8.91 -1.13
CA ARG A 104 -5.20 9.08 0.23
C ARG A 104 -6.42 10.00 0.24
N ALA A 105 -6.42 11.04 -0.58
CA ALA A 105 -7.56 11.96 -0.62
C ALA A 105 -8.80 11.27 -1.19
N PHE A 106 -8.63 10.45 -2.23
CA PHE A 106 -9.76 9.73 -2.79
C PHE A 106 -10.31 8.71 -1.80
N ALA A 107 -9.42 8.00 -1.08
CA ALA A 107 -9.88 7.09 -0.04
C ALA A 107 -10.67 7.84 1.02
N GLU A 108 -10.25 9.06 1.37
CA GLU A 108 -10.97 9.84 2.36
C GLU A 108 -12.39 10.16 1.89
N SER A 109 -12.57 10.32 0.58
CA SER A 109 -13.91 10.62 0.06
C SER A 109 -14.85 9.44 0.23
N LYS A 110 -14.32 8.22 0.25
CA LYS A 110 -15.14 7.03 0.48
C LYS A 110 -15.30 6.74 1.96
N LEU A 111 -14.26 6.96 2.76
CA LEU A 111 -14.39 6.84 4.21
C LEU A 111 -15.41 7.82 4.76
N ALA A 112 -15.52 9.01 4.15
CA ALA A 112 -16.54 9.96 4.56
C ALA A 112 -17.93 9.39 4.35
N ILE A 113 -18.11 8.56 3.33
CA ILE A 113 -19.41 7.92 3.09
C ILE A 113 -19.58 6.71 4.00
N TRP A 114 -18.56 5.87 4.11
CA TRP A 114 -18.67 4.67 4.93
C TRP A 114 -18.93 5.01 6.40
N ALA A 115 -18.50 6.18 6.86
CA ALA A 115 -18.74 6.56 8.25
C ALA A 115 -20.22 6.60 8.60
N ARG A 116 -21.09 6.80 7.60
CA ARG A 116 -22.53 6.76 7.84
C ARG A 116 -23.06 5.34 7.94
N TYR A 117 -22.33 4.36 7.40
CA TYR A 117 -22.78 2.97 7.38
C TYR A 117 -22.09 2.10 8.43
N LEU A 118 -20.94 2.51 8.94
CA LEU A 118 -20.16 1.70 9.85
C LEU A 118 -20.12 2.34 11.23
N ASN A 119 -19.81 1.52 12.24
CA ASN A 119 -19.61 2.03 13.59
C ASN A 119 -18.17 2.52 13.74
N ASP A 120 -17.86 3.08 14.91
CA ASP A 120 -16.56 3.70 15.12
C ASP A 120 -15.43 2.68 14.97
N GLU A 121 -15.63 1.46 15.48
CA GLU A 121 -14.58 0.45 15.42
C GLU A 121 -14.41 -0.07 13.99
N GLU A 122 -15.52 -0.41 13.34
CA GLU A 122 -15.45 -0.84 11.95
C GLU A 122 -14.76 0.19 11.07
N LEU A 123 -15.16 1.46 11.20
CA LEU A 123 -14.55 2.52 10.40
C LEU A 123 -13.06 2.64 10.69
N ALA A 124 -12.68 2.57 11.96
CA ALA A 124 -11.27 2.66 12.31
C ALA A 124 -10.47 1.54 11.65
N PHE A 125 -11.02 0.32 11.65
CA PHE A 125 -10.34 -0.81 11.02
C PHE A 125 -10.14 -0.54 9.54
N THR A 126 -11.20 -0.09 8.85
CA THR A 126 -11.10 0.12 7.40
C THR A 126 -10.15 1.26 7.08
N ARG A 127 -10.20 2.34 7.85
CA ARG A 127 -9.30 3.46 7.61
C ARG A 127 -7.84 3.03 7.67
N GLN A 128 -7.51 2.07 8.56
CA GLN A 128 -6.15 1.58 8.64
C GLN A 128 -5.80 0.64 7.49
N HIS A 129 -6.71 -0.29 7.17
CA HIS A 129 -6.39 -1.40 6.28
C HIS A 129 -6.82 -1.16 4.84
N TYR A 130 -7.51 -0.04 4.55
CA TYR A 130 -7.91 0.24 3.19
C TYR A 130 -6.72 0.28 2.23
N PHE A 131 -5.56 0.71 2.72
CA PHE A 131 -4.38 0.85 1.86
C PHE A 131 -3.51 -0.41 1.82
N ASP A 132 -3.82 -1.43 2.63
CA ASP A 132 -2.97 -2.62 2.69
C ASP A 132 -2.73 -3.21 1.30
N ARG A 133 -3.81 -3.53 0.59
CA ARG A 133 -3.72 -4.19 -0.72
C ARG A 133 -4.41 -3.38 -1.81
N LEU A 134 -4.51 -2.06 -1.61
CA LEU A 134 -5.26 -1.22 -2.52
C LEU A 134 -4.68 -1.27 -3.93
N ALA A 135 -3.35 -1.27 -4.05
CA ALA A 135 -2.71 -1.21 -5.35
C ALA A 135 -2.94 -2.44 -6.21
N GLU A 136 -3.49 -3.52 -5.66
CA GLU A 136 -3.71 -4.73 -6.41
C GLU A 136 -5.06 -4.77 -7.11
N TRP A 137 -5.92 -3.77 -6.88
CA TRP A 137 -7.25 -3.80 -7.48
C TRP A 137 -7.19 -3.64 -8.99
N PRO A 138 -6.41 -2.71 -9.56
CA PRO A 138 -6.42 -2.54 -11.03
C PRO A 138 -6.10 -3.82 -11.78
N ALA A 139 -5.11 -4.59 -11.32
CA ALA A 139 -4.78 -5.84 -11.99
C ALA A 139 -5.96 -6.80 -11.96
N LEU A 140 -6.70 -6.84 -10.86
CA LEU A 140 -7.87 -7.70 -10.78
C LEU A 140 -8.99 -7.21 -11.70
N VAL A 141 -9.24 -5.90 -11.72
CA VAL A 141 -10.32 -5.39 -12.56
C VAL A 141 -10.05 -5.66 -14.03
N ALA A 142 -8.77 -5.59 -14.43
CA ALA A 142 -8.42 -5.90 -15.82
C ALA A 142 -8.70 -7.36 -16.15
N ASP A 143 -8.36 -8.27 -15.23
CA ASP A 143 -8.69 -9.68 -15.46
C ASP A 143 -10.19 -9.91 -15.50
N LEU A 144 -10.96 -9.13 -14.74
CA LEU A 144 -12.41 -9.27 -14.78
C LEU A 144 -12.97 -8.83 -16.12
N HIS A 145 -12.50 -7.68 -16.62
CA HIS A 145 -12.90 -7.24 -17.96
C HIS A 145 -12.58 -8.33 -18.99
N ARG A 146 -11.39 -8.91 -18.91
CA ARG A 146 -10.98 -9.95 -19.85
C ARG A 146 -11.93 -11.13 -19.79
N ALA A 147 -12.17 -11.67 -18.58
CA ALA A 147 -13.07 -12.81 -18.44
C ALA A 147 -14.45 -12.50 -19.00
N CYS A 148 -14.87 -11.23 -18.94
CA CYS A 148 -16.18 -10.86 -19.47
C CYS A 148 -16.17 -10.82 -20.99
N ARG A 149 -15.12 -10.26 -21.59
CA ARG A 149 -15.02 -10.24 -23.05
C ARG A 149 -15.01 -11.65 -23.61
N GLU A 150 -14.14 -12.52 -23.06
CA GLU A 150 -14.00 -13.88 -23.55
C GLU A 150 -15.19 -14.77 -23.21
N LYS A 151 -16.22 -14.25 -22.54
CA LYS A 151 -17.39 -15.04 -22.18
C LYS A 151 -17.01 -16.21 -21.28
N ARG A 152 -16.02 -16.01 -20.42
CA ARG A 152 -15.60 -17.05 -19.49
C ARG A 152 -16.76 -17.40 -18.56
N ASP A 153 -16.85 -18.67 -18.20
CA ASP A 153 -17.91 -19.14 -17.33
C ASP A 153 -17.57 -18.76 -15.89
N PRO A 154 -18.41 -17.97 -15.21
CA PRO A 154 -18.09 -17.61 -13.82
C PRO A 154 -17.85 -18.81 -12.91
N ALA A 155 -18.47 -19.95 -13.21
CA ALA A 155 -18.30 -21.14 -12.39
C ALA A 155 -17.04 -21.93 -12.71
N SER A 156 -16.32 -21.55 -13.76
CA SER A 156 -15.11 -22.27 -14.13
C SER A 156 -14.01 -22.03 -13.08
N PRO A 157 -13.01 -22.91 -13.04
CA PRO A 157 -11.90 -22.68 -12.09
C PRO A 157 -11.29 -21.28 -12.19
N GLY A 158 -11.00 -20.82 -13.40
CA GLY A 158 -10.44 -19.50 -13.56
C GLY A 158 -11.37 -18.40 -13.03
N GLY A 159 -12.66 -18.53 -13.32
CA GLY A 159 -13.60 -17.53 -12.85
C GLY A 159 -13.75 -17.52 -11.35
N GLN A 160 -13.69 -18.70 -10.71
CA GLN A 160 -13.73 -18.77 -9.26
C GLN A 160 -12.45 -18.20 -8.64
N GLN A 161 -11.32 -18.31 -9.35
CA GLN A 161 -10.09 -17.70 -8.87
C GLN A 161 -10.21 -16.19 -8.84
N LEU A 162 -10.84 -15.60 -9.86
CA LEU A 162 -11.08 -14.17 -9.85
C LEU A 162 -12.02 -13.78 -8.71
N ALA A 163 -13.06 -14.57 -8.47
CA ALA A 163 -13.94 -14.33 -7.33
C ALA A 163 -13.17 -14.44 -6.02
N GLN A 164 -12.24 -15.40 -5.92
CA GLN A 164 -11.46 -15.56 -4.72
C GLN A 164 -10.58 -14.34 -4.47
N ARG A 165 -9.95 -13.82 -5.53
CA ARG A 165 -9.10 -12.65 -5.38
C ARG A 165 -9.91 -11.44 -4.94
N TRP A 166 -11.09 -11.25 -5.54
CA TRP A 166 -11.96 -10.15 -5.12
C TRP A 166 -12.25 -10.25 -3.63
N LEU A 167 -12.61 -11.45 -3.16
CA LEU A 167 -12.88 -11.65 -1.75
C LEU A 167 -11.65 -11.33 -0.90
N ALA A 168 -10.47 -11.73 -1.37
CA ALA A 168 -9.25 -11.44 -0.62
C ALA A 168 -9.04 -9.93 -0.47
N LEU A 169 -9.17 -9.19 -1.56
CA LEU A 169 -8.94 -7.75 -1.50
C LEU A 169 -10.05 -7.05 -0.73
N PHE A 170 -11.28 -7.53 -0.85
CA PHE A 170 -12.41 -6.93 -0.13
C PHE A 170 -12.28 -7.15 1.37
N GLN A 171 -12.04 -8.40 1.78
CA GLN A 171 -11.86 -8.68 3.20
C GLN A 171 -10.64 -7.96 3.79
N SER A 172 -9.66 -7.60 2.95
CA SER A 172 -8.49 -6.90 3.44
C SER A 172 -8.85 -5.63 4.21
N TYR A 173 -9.82 -4.86 3.69
CA TYR A 173 -10.18 -3.61 4.34
C TYR A 173 -11.54 -3.64 5.02
N ALA A 174 -12.40 -4.60 4.69
CA ALA A 174 -13.70 -4.72 5.32
C ALA A 174 -13.70 -5.69 6.49
N GLY A 175 -12.75 -6.62 6.54
CA GLY A 175 -12.72 -7.63 7.57
C GLY A 175 -13.47 -8.87 7.20
N LYS A 176 -13.41 -9.85 8.10
CA LYS A 176 -14.04 -11.15 7.88
C LYS A 176 -15.46 -11.22 8.44
N ASP A 177 -15.91 -10.21 9.18
CA ASP A 177 -17.22 -10.26 9.80
C ASP A 177 -18.30 -10.19 8.74
N ALA A 178 -19.25 -11.13 8.80
CA ALA A 178 -20.32 -11.17 7.80
C ALA A 178 -21.25 -9.97 7.93
N GLN A 179 -21.57 -9.56 9.16
CA GLN A 179 -22.45 -8.42 9.35
C GLN A 179 -21.81 -7.15 8.80
N THR A 180 -20.53 -6.94 9.10
CA THR A 180 -19.84 -5.75 8.62
C THR A 180 -19.79 -5.74 7.09
N GLN A 181 -19.46 -6.88 6.48
CA GLN A 181 -19.43 -6.96 5.02
C GLN A 181 -20.76 -6.57 4.41
N GLN A 182 -21.87 -7.02 5.04
CA GLN A 182 -23.19 -6.65 4.54
C GLN A 182 -23.34 -5.14 4.44
N LYS A 183 -22.85 -4.41 5.45
CA LYS A 183 -22.95 -2.96 5.43
C LYS A 183 -22.23 -2.39 4.21
N PHE A 184 -21.06 -2.94 3.87
CA PHE A 184 -20.33 -2.46 2.71
C PHE A 184 -21.12 -2.66 1.43
N ARG A 185 -21.68 -3.87 1.26
CA ARG A 185 -22.42 -4.16 0.04
C ARG A 185 -23.71 -3.35 -0.03
N TYR A 186 -24.33 -3.06 1.12
CA TYR A 186 -25.51 -2.21 1.14
C TYR A 186 -25.15 -0.76 0.80
N ALA A 187 -24.05 -0.26 1.37
CA ALA A 187 -23.60 1.08 1.01
C ALA A 187 -23.26 1.16 -0.46
N MET A 188 -22.60 0.12 -0.99
CA MET A 188 -22.26 0.08 -2.41
C MET A 188 -23.51 0.19 -3.28
N GLU A 189 -24.63 -0.36 -2.83
CA GLU A 189 -25.87 -0.28 -3.60
C GLU A 189 -26.52 1.10 -3.53
N GLN A 190 -26.24 1.87 -2.48
CA GLN A 190 -26.91 3.15 -2.26
C GLN A 190 -26.07 4.35 -2.64
N GLU A 191 -24.76 4.19 -2.80
CA GLU A 191 -23.84 5.31 -3.00
C GLU A 191 -23.12 5.19 -4.32
N PRO A 192 -23.52 5.93 -5.36
CA PRO A 192 -22.81 5.81 -6.65
C PRO A 192 -21.35 6.21 -6.55
N HIS A 193 -21.00 7.13 -5.67
CA HIS A 193 -19.61 7.57 -5.55
C HIS A 193 -18.69 6.41 -5.17
N LEU A 194 -19.19 5.43 -4.42
CA LEU A 194 -18.35 4.34 -3.98
C LEU A 194 -17.83 3.51 -5.14
N MET A 195 -18.46 3.59 -6.32
CA MET A 195 -18.01 2.87 -7.50
C MET A 195 -17.18 3.74 -8.43
N LYS A 196 -16.90 4.98 -8.06
CA LYS A 196 -15.98 5.80 -8.82
C LYS A 196 -14.54 5.31 -8.64
N GLY A 197 -13.73 5.54 -9.66
CA GLY A 197 -12.34 5.13 -9.59
C GLY A 197 -12.13 3.65 -9.48
N THR A 198 -13.05 2.85 -10.02
CA THR A 198 -12.92 1.40 -10.01
C THR A 198 -12.78 0.79 -11.39
N TRP A 199 -13.13 1.53 -12.44
CA TRP A 199 -13.07 1.04 -13.83
C TRP A 199 -14.07 -0.11 -13.97
N MET A 200 -15.01 -0.21 -13.07
CA MET A 200 -16.00 -1.29 -13.14
C MET A 200 -17.18 -0.82 -13.97
N THR A 201 -17.75 -1.70 -14.77
CA THR A 201 -18.96 -1.42 -15.56
C THR A 201 -20.06 -2.35 -15.08
N SER A 202 -21.29 -2.02 -15.42
CA SER A 202 -22.44 -2.85 -14.99
C SER A 202 -22.26 -4.27 -15.55
N GLU A 203 -21.75 -4.43 -16.75
CA GLU A 203 -21.50 -5.74 -17.36
C GLU A 203 -20.47 -6.56 -16.55
N VAL A 204 -19.34 -5.98 -16.19
CA VAL A 204 -18.31 -6.71 -15.41
C VAL A 204 -18.83 -6.96 -14.01
N LEU A 205 -19.38 -5.95 -13.39
CA LEU A 205 -19.95 -6.13 -12.05
C LEU A 205 -20.98 -7.25 -12.03
N SER A 206 -21.76 -7.36 -13.11
CA SER A 206 -22.74 -8.45 -13.20
CA SER A 206 -22.73 -8.44 -13.19
C SER A 206 -22.04 -9.80 -13.34
N TRP A 207 -20.96 -9.85 -14.11
CA TRP A 207 -20.19 -11.09 -14.23
C TRP A 207 -19.55 -11.44 -12.90
N LEU A 208 -18.97 -10.45 -12.22
CA LEU A 208 -18.35 -10.68 -10.92
C LEU A 208 -19.34 -11.23 -9.91
N GLN A 209 -20.55 -10.68 -9.87
CA GLN A 209 -21.51 -11.07 -8.86
C GLN A 209 -22.14 -12.44 -9.15
N GLN A 210 -22.08 -12.91 -10.38
CA GLN A 210 -22.42 -14.31 -10.64
C GLN A 210 -21.32 -15.23 -10.13
N ALA A 211 -20.05 -14.83 -10.33
CA ALA A 211 -18.94 -15.62 -9.84
C ALA A 211 -18.93 -15.67 -8.32
N ILE A 212 -19.22 -14.56 -7.65
CA ILE A 212 -19.33 -14.55 -6.20
C ILE A 212 -20.50 -15.41 -5.76
N GLY A 213 -21.58 -15.43 -6.54
CA GLY A 213 -22.73 -16.25 -6.18
C GLY A 213 -22.40 -17.72 -6.15
N VAL A 214 -21.70 -18.20 -7.18
CA VAL A 214 -21.29 -19.60 -7.20
C VAL A 214 -20.37 -19.90 -6.02
N MET A 215 -19.46 -18.97 -5.72
CA MET A 215 -18.53 -19.17 -4.61
C MET A 215 -19.25 -19.41 -3.29
N MET A 216 -20.44 -18.84 -3.14
CA MET A 216 -21.20 -18.98 -1.90
C MET A 216 -21.76 -20.40 -1.76
N MET B 3 0.44 11.63 27.47
CA MET B 3 0.51 10.39 28.32
C MET B 3 -0.87 9.75 28.45
N LYS B 4 -1.90 10.59 28.57
CA LYS B 4 -3.27 10.08 28.60
C LYS B 4 -3.61 9.34 27.31
N MET B 5 -3.01 9.75 26.18
CA MET B 5 -3.27 9.08 24.92
C MET B 5 -2.69 7.67 24.92
N TYR B 6 -1.44 7.52 25.36
CA TYR B 6 -0.82 6.20 25.40
C TYR B 6 -1.58 5.26 26.32
N ASP B 7 -2.18 5.79 27.39
CA ASP B 7 -2.89 4.93 28.34
C ASP B 7 -4.13 4.31 27.74
N ARG B 8 -4.72 4.92 26.71
CA ARG B 8 -5.90 4.37 26.08
C ARG B 8 -5.59 3.15 25.23
N TRP B 9 -4.39 3.08 24.66
CA TRP B 9 -4.06 2.04 23.69
C TRP B 9 -3.12 0.97 24.21
N PHE B 10 -2.41 1.23 25.31
CA PHE B 10 -1.49 0.25 25.90
C PHE B 10 -1.92 -0.05 27.32
N SER B 11 -1.89 -1.34 27.67
CA SER B 11 -2.11 -1.74 29.05
C SER B 11 -0.98 -1.21 29.93
N GLN B 12 -1.24 -1.14 31.23
CA GLN B 12 -0.21 -0.68 32.16
C GLN B 12 1.03 -1.55 32.07
N GLN B 13 0.85 -2.85 31.80
CA GLN B 13 1.99 -3.74 31.62
C GLN B 13 2.80 -3.34 30.39
N GLU B 14 2.13 -2.99 29.29
CA GLU B 14 2.83 -2.63 28.07
C GLU B 14 3.50 -1.28 28.19
N LEU B 15 2.88 -0.33 28.92
CA LEU B 15 3.48 0.99 29.09
C LEU B 15 4.81 0.90 29.83
N GLN B 16 4.97 -0.10 30.69
CA GLN B 16 6.22 -0.25 31.43
C GLN B 16 7.41 -0.44 30.49
N VAL B 17 7.19 -1.10 29.35
CA VAL B 17 8.26 -1.43 28.42
C VAL B 17 8.15 -0.66 27.12
N LEU B 18 7.31 0.38 27.07
CA LEU B 18 7.18 1.20 25.87
C LEU B 18 8.04 2.44 26.02
N PRO B 19 9.14 2.57 25.27
CA PRO B 19 9.99 3.76 25.43
C PRO B 19 9.26 5.07 25.24
N PHE B 20 8.34 5.15 24.26
CA PHE B 20 7.60 6.39 24.04
C PHE B 20 6.93 6.88 25.32
N ALA B 21 6.37 5.96 26.11
CA ALA B 21 5.60 6.33 27.29
C ALA B 21 6.44 6.93 28.41
N GLU B 22 7.78 6.89 28.30
CA GLU B 22 8.62 7.43 29.36
C GLU B 22 8.54 8.93 29.47
N GLN B 23 8.05 9.62 28.43
CA GLN B 23 7.97 11.07 28.43
C GLN B 23 9.36 11.71 28.56
N ASP B 24 10.37 11.02 28.06
CA ASP B 24 11.73 11.54 28.11
C ASP B 24 11.88 12.78 27.24
N GLU B 25 12.79 13.67 27.64
CA GLU B 25 12.97 14.93 26.93
C GLU B 25 13.91 14.77 25.74
N GLN B 26 14.98 13.98 25.90
CA GLN B 26 15.92 13.79 24.81
C GLN B 26 15.32 12.97 23.67
N ARG B 27 14.40 12.07 23.98
CA ARG B 27 13.71 11.33 22.93
C ARG B 27 12.73 12.23 22.18
N ASN B 28 12.02 13.11 22.90
CA ASN B 28 11.14 14.06 22.25
C ASN B 28 11.93 14.99 21.35
N GLN B 29 13.12 15.42 21.78
CA GLN B 29 13.92 16.31 20.96
C GLN B 29 14.36 15.64 19.67
N THR B 30 14.79 14.38 19.76
CA THR B 30 15.24 13.66 18.57
C THR B 30 14.10 13.54 17.56
N TRP B 31 12.92 13.15 18.00
CA TRP B 31 11.79 13.02 17.08
C TRP B 31 11.33 14.38 16.57
N LEU B 32 11.42 15.42 17.39
CA LEU B 32 11.13 16.76 16.89
C LEU B 32 12.03 17.11 15.72
N GLU B 33 13.28 16.68 15.76
CA GLU B 33 14.21 16.92 14.66
C GLU B 33 13.93 16.01 13.47
N LEU B 34 13.44 14.80 13.72
CA LEU B 34 13.10 13.90 12.62
C LEU B 34 11.85 14.38 11.88
N VAL B 35 10.80 14.72 12.62
CA VAL B 35 9.60 15.26 12.01
C VAL B 35 9.90 16.57 11.30
N GLY B 36 10.71 17.44 11.93
CA GLY B 36 11.05 18.71 11.31
C GLY B 36 11.79 18.56 10.01
N GLU B 37 12.73 17.61 9.94
CA GLU B 37 13.48 17.41 8.71
C GLU B 37 12.61 16.81 7.62
N ALA B 38 11.71 15.89 7.98
CA ALA B 38 10.80 15.31 7.00
C ALA B 38 9.92 16.40 6.39
N GLN B 39 9.36 17.27 7.23
CA GLN B 39 8.49 18.33 6.73
C GLN B 39 9.26 19.27 5.82
N GLN B 40 10.53 19.54 6.13
CA GLN B 40 11.35 20.39 5.28
C GLN B 40 11.50 19.79 3.89
N LEU B 41 11.83 18.49 3.82
CA LEU B 41 12.03 17.84 2.53
C LEU B 41 10.73 17.83 1.73
N MET B 42 9.60 17.53 2.37
CA MET B 42 8.33 17.49 1.66
C MET B 42 7.97 18.86 1.11
N ASP B 43 8.18 19.92 1.89
CA ASP B 43 7.92 21.27 1.40
C ASP B 43 8.80 21.59 0.20
N GLU B 44 10.02 21.05 0.17
CA GLU B 44 10.93 21.24 -0.95
C GLU B 44 10.63 20.32 -2.13
N ARG B 45 9.60 19.49 -2.04
CA ARG B 45 9.26 18.54 -3.10
C ARG B 45 10.39 17.56 -3.36
N CYS B 46 11.19 17.28 -2.33
CA CYS B 46 12.36 16.42 -2.51
C CYS B 46 11.92 15.02 -2.92
N PRO B 47 12.43 14.48 -4.02
CA PRO B 47 12.09 13.10 -4.38
C PRO B 47 12.49 12.12 -3.29
N ALA B 48 11.67 11.07 -3.11
CA ALA B 48 11.92 10.11 -2.07
C ALA B 48 13.18 9.28 -2.30
N ASP B 49 13.75 9.31 -3.50
CA ASP B 49 14.97 8.57 -3.79
C ASP B 49 16.23 9.43 -3.69
N GLU B 50 16.10 10.70 -3.33
CA GLU B 50 17.28 11.55 -3.14
C GLU B 50 18.12 11.02 -1.99
N PRO B 51 19.42 11.32 -1.99
CA PRO B 51 20.27 10.85 -0.88
C PRO B 51 19.79 11.35 0.48
N ARG B 52 19.50 12.65 0.60
CA ARG B 52 19.11 13.21 1.89
C ARG B 52 17.79 12.62 2.38
N ALA B 53 16.90 12.22 1.47
CA ALA B 53 15.64 11.59 1.88
C ALA B 53 15.88 10.17 2.37
N ILE B 54 16.76 9.43 1.70
CA ILE B 54 17.07 8.07 2.12
C ILE B 54 17.73 8.07 3.49
N ALA B 55 18.69 8.98 3.71
CA ALA B 55 19.34 9.04 5.01
C ALA B 55 18.34 9.31 6.12
N LEU B 56 17.40 10.23 5.88
CA LEU B 56 16.39 10.54 6.90
C LEU B 56 15.51 9.33 7.19
N ALA B 57 14.99 8.69 6.15
CA ALA B 57 14.11 7.54 6.35
C ALA B 57 14.81 6.45 7.13
N THR B 58 16.11 6.26 6.89
CA THR B 58 16.86 5.28 7.67
C THR B 58 16.89 5.65 9.14
N ARG B 59 17.09 6.94 9.45
CA ARG B 59 17.08 7.38 10.84
C ARG B 59 15.70 7.16 11.46
N TRP B 60 14.64 7.47 10.72
CA TRP B 60 13.28 7.25 11.21
C TRP B 60 13.07 5.81 11.64
N MET B 61 13.35 4.86 10.74
CA MET B 61 13.08 3.46 11.05
C MET B 61 14.00 2.96 12.15
N GLU B 62 15.27 3.37 12.15
CA GLU B 62 16.16 3.03 13.25
C GLU B 62 15.59 3.52 14.57
N GLN B 63 15.14 4.77 14.61
CA GLN B 63 14.61 5.33 15.85
C GLN B 63 13.28 4.68 16.21
N LEU B 64 12.45 4.36 15.21
CA LEU B 64 11.12 3.85 15.49
C LEU B 64 11.18 2.45 16.08
N GLU B 65 12.10 1.61 15.59
CA GLU B 65 12.24 0.28 16.16
C GLU B 65 12.75 0.34 17.59
N GLN B 66 13.68 1.25 17.87
CA GLN B 66 14.15 1.44 19.24
C GLN B 66 13.01 1.84 20.16
N ASP B 67 12.22 2.84 19.74
CA ASP B 67 11.20 3.42 20.60
C ASP B 67 9.92 2.60 20.66
N THR B 68 9.75 1.62 19.77
CA THR B 68 8.76 0.58 19.94
C THR B 68 9.33 -0.65 20.65
N ALA B 69 10.56 -0.55 21.16
CA ALA B 69 11.21 -1.64 21.88
C ALA B 69 11.37 -2.88 21.01
N GLY B 70 11.59 -2.67 19.71
CA GLY B 70 11.72 -3.79 18.81
C GLY B 70 10.56 -4.75 18.81
N ARG B 71 9.39 -4.31 19.27
CA ARG B 71 8.23 -5.17 19.36
C ARG B 71 7.27 -4.84 18.23
N PRO B 72 7.08 -5.73 17.25
CA PRO B 72 6.18 -5.38 16.14
C PRO B 72 4.77 -5.06 16.59
N GLU B 73 4.30 -5.66 17.69
CA GLU B 73 2.93 -5.41 18.13
C GLU B 73 2.75 -3.95 18.57
N PHE B 74 3.81 -3.31 19.07
CA PHE B 74 3.72 -1.89 19.39
C PHE B 74 3.72 -1.04 18.13
N LEU B 75 4.40 -1.48 17.08
CA LEU B 75 4.37 -0.77 15.82
C LEU B 75 2.95 -0.76 15.24
N THR B 76 2.31 -1.93 15.18
CA THR B 76 0.94 -1.98 14.68
C THR B 76 0.00 -1.17 15.57
N ARG B 77 0.29 -1.09 16.87
CA ARG B 77 -0.53 -0.28 17.76
C ARG B 77 -0.47 1.20 17.35
N LEU B 78 0.74 1.70 17.05
CA LEU B 78 0.86 3.06 16.54
C LEU B 78 -0.01 3.27 15.31
N ASN B 79 0.04 2.32 14.36
CA ASN B 79 -0.74 2.46 13.13
C ASN B 79 -2.23 2.54 13.45
N GLU B 80 -2.69 1.78 14.43
CA GLU B 80 -4.07 1.93 14.89
C GLU B 80 -4.32 3.34 15.39
N MET B 81 -3.38 3.89 16.17
CA MET B 81 -3.55 5.23 16.70
C MET B 81 -3.59 6.28 15.60
N HIS B 82 -2.72 6.13 14.60
CA HIS B 82 -2.73 7.07 13.48
C HIS B 82 -4.05 7.03 12.72
N ALA B 83 -4.86 5.99 12.91
CA ALA B 83 -6.13 5.85 12.20
C ALA B 83 -7.36 6.12 13.04
N ALA B 84 -7.24 6.16 14.36
CA ALA B 84 -8.40 6.37 15.22
C ALA B 84 -8.19 7.40 16.32
N GLU B 85 -6.97 7.92 16.50
CA GLU B 85 -6.71 8.92 17.54
C GLU B 85 -6.59 10.29 16.90
N PRO B 86 -7.58 11.18 17.05
CA PRO B 86 -7.45 12.52 16.46
C PRO B 86 -6.34 13.36 17.09
N GLN B 87 -5.93 13.05 18.31
CA GLN B 87 -4.83 13.76 18.95
C GLN B 87 -3.46 13.27 18.51
N MET B 88 -3.41 12.25 17.66
CA MET B 88 -2.12 11.70 17.23
C MET B 88 -1.33 12.72 16.42
N ARG B 89 -1.99 13.37 15.45
CA ARG B 89 -1.33 14.40 14.66
C ARG B 89 -0.70 15.47 15.54
N GLU B 90 -1.49 16.04 16.46
CA GLU B 90 -1.03 17.17 17.24
C GLU B 90 0.04 16.76 18.24
N GLN B 91 -0.19 15.66 18.96
CA GLN B 91 0.73 15.24 20.02
C GLN B 91 2.06 14.73 19.48
N THR B 92 2.18 14.47 18.18
CA THR B 92 3.41 13.93 17.62
C THR B 92 3.94 14.71 16.42
N GLY B 93 3.10 15.48 15.72
CA GLY B 93 3.52 16.14 14.51
C GLY B 93 3.59 15.24 13.29
N VAL B 94 3.31 13.96 13.42
CA VAL B 94 3.45 13.00 12.33
C VAL B 94 2.11 12.87 11.62
N THR B 95 2.10 13.17 10.34
CA THR B 95 0.90 13.09 9.53
C THR B 95 0.90 11.83 8.67
N PRO B 96 -0.27 11.37 8.23
CA PRO B 96 -0.28 10.23 7.29
C PRO B 96 0.50 10.51 6.03
N GLU B 97 0.41 11.73 5.49
CA GLU B 97 1.20 12.10 4.33
C GLU B 97 2.69 11.98 4.63
N MET B 98 3.10 12.35 5.84
CA MET B 98 4.51 12.24 6.22
C MET B 98 4.93 10.78 6.29
N ILE B 99 4.06 9.90 6.77
CA ILE B 99 4.40 8.49 6.83
C ILE B 99 4.52 7.90 5.43
N ASP B 100 3.65 8.31 4.51
CA ASP B 100 3.76 7.86 3.13
C ASP B 100 5.12 8.23 2.55
N PHE B 101 5.59 9.44 2.83
CA PHE B 101 6.88 9.88 2.30
C PHE B 101 8.03 9.06 2.87
N ILE B 102 8.07 8.89 4.21
CA ILE B 102 9.14 8.14 4.83
C ILE B 102 9.12 6.69 4.33
N THR B 103 7.92 6.10 4.23
CA THR B 103 7.81 4.73 3.73
C THR B 103 8.44 4.62 2.34
N ARG B 104 8.12 5.56 1.46
CA ARG B 104 8.63 5.49 0.09
C ARG B 104 10.14 5.75 0.05
N ALA B 105 10.62 6.65 0.90
CA ALA B 105 12.06 6.92 0.95
C ALA B 105 12.81 5.72 1.51
N PHE B 106 12.21 5.01 2.46
CA PHE B 106 12.86 3.82 3.01
C PHE B 106 12.90 2.68 2.01
N ALA B 107 11.81 2.51 1.24
CA ALA B 107 11.81 1.51 0.18
C ALA B 107 12.91 1.80 -0.84
N GLU B 108 13.12 3.08 -1.17
CA GLU B 108 14.14 3.43 -2.13
C GLU B 108 15.54 3.10 -1.62
N SER B 109 15.75 3.18 -0.30
CA SER B 109 17.05 2.80 0.26
C SER B 109 17.35 1.33 0.00
N LYS B 110 16.32 0.49 -0.05
CA LYS B 110 16.52 -0.94 -0.31
C LYS B 110 16.51 -1.25 -1.81
N LEU B 111 15.65 -0.59 -2.59
CA LEU B 111 15.70 -0.76 -4.03
C LEU B 111 17.05 -0.37 -4.59
N ALA B 112 17.71 0.61 -3.98
CA ALA B 112 19.06 0.97 -4.39
C ALA B 112 20.03 -0.19 -4.20
N ILE B 113 19.98 -0.85 -3.04
CA ILE B 113 20.81 -2.01 -2.80
C ILE B 113 20.45 -3.12 -3.77
N TRP B 114 19.16 -3.43 -3.90
CA TRP B 114 18.74 -4.52 -4.76
C TRP B 114 19.15 -4.31 -6.21
N ALA B 115 19.33 -3.05 -6.63
CA ALA B 115 19.76 -2.78 -8.00
C ALA B 115 21.14 -3.35 -8.28
N ARG B 116 21.97 -3.54 -7.27
CA ARG B 116 23.30 -4.11 -7.47
C ARG B 116 23.29 -5.63 -7.58
N TYR B 117 22.16 -6.27 -7.30
CA TYR B 117 22.05 -7.72 -7.38
C TYR B 117 21.06 -8.21 -8.41
N LEU B 118 20.08 -7.40 -8.80
CA LEU B 118 19.07 -7.77 -9.78
C LEU B 118 19.43 -7.22 -11.15
N ASN B 119 18.79 -7.77 -12.17
CA ASN B 119 18.90 -7.23 -13.52
C ASN B 119 17.82 -6.17 -13.73
N ASP B 120 17.93 -5.46 -14.85
CA ASP B 120 17.05 -4.31 -15.08
C ASP B 120 15.59 -4.73 -15.15
N GLU B 121 15.31 -5.96 -15.55
CA GLU B 121 13.93 -6.42 -15.66
C GLU B 121 13.35 -6.79 -14.29
N GLU B 122 14.08 -7.60 -13.52
CA GLU B 122 13.63 -7.96 -12.18
C GLU B 122 13.48 -6.72 -11.31
N LEU B 123 14.41 -5.77 -11.42
CA LEU B 123 14.32 -4.55 -10.65
C LEU B 123 13.05 -3.78 -11.00
N ALA B 124 12.70 -3.71 -12.28
CA ALA B 124 11.50 -2.98 -12.69
C ALA B 124 10.25 -3.60 -12.06
N PHE B 125 10.14 -4.93 -12.08
CA PHE B 125 9.01 -5.60 -11.46
C PHE B 125 8.94 -5.28 -9.97
N THR B 126 10.03 -5.55 -9.24
CA THR B 126 10.07 -5.26 -7.82
C THR B 126 9.74 -3.79 -7.54
N ARG B 127 10.20 -2.90 -8.42
CA ARG B 127 10.05 -1.47 -8.18
C ARG B 127 8.59 -1.04 -8.16
N GLN B 128 7.72 -1.71 -8.91
CA GLN B 128 6.32 -1.35 -8.93
C GLN B 128 5.52 -2.08 -7.86
N HIS B 129 5.75 -3.38 -7.71
CA HIS B 129 4.94 -4.21 -6.83
C HIS B 129 5.41 -4.19 -5.38
N TYR B 130 6.53 -3.53 -5.08
CA TYR B 130 7.02 -3.52 -3.70
C TYR B 130 5.98 -2.94 -2.74
N PHE B 131 5.23 -1.94 -3.19
CA PHE B 131 4.25 -1.27 -2.34
C PHE B 131 2.89 -1.96 -2.35
N ASP B 132 2.69 -2.98 -3.20
CA ASP B 132 1.39 -3.63 -3.30
C ASP B 132 0.88 -4.09 -1.95
N ARG B 133 1.72 -4.81 -1.19
CA ARG B 133 1.31 -5.40 0.09
C ARG B 133 2.29 -5.04 1.20
N LEU B 134 3.06 -3.97 1.04
CA LEU B 134 4.08 -3.61 2.02
C LEU B 134 3.49 -3.45 3.41
N ALA B 135 2.27 -2.93 3.51
CA ALA B 135 1.69 -2.62 4.82
C ALA B 135 1.26 -3.85 5.60
N GLU B 136 1.28 -5.03 4.99
CA GLU B 136 0.82 -6.24 5.67
C GLU B 136 1.93 -6.94 6.45
N TRP B 137 3.19 -6.51 6.31
CA TRP B 137 4.28 -7.23 6.94
C TRP B 137 4.25 -7.16 8.47
N PRO B 138 4.02 -5.99 9.09
CA PRO B 138 4.07 -5.95 10.56
C PRO B 138 3.13 -6.92 11.23
N ALA B 139 1.95 -7.16 10.65
CA ALA B 139 1.04 -8.14 11.21
C ALA B 139 1.64 -9.55 11.12
N LEU B 140 2.29 -9.88 10.00
CA LEU B 140 2.94 -11.17 9.88
C LEU B 140 4.08 -11.30 10.87
N VAL B 141 4.90 -10.26 11.02
CA VAL B 141 6.04 -10.32 11.92
C VAL B 141 5.59 -10.48 13.36
N ALA B 142 4.51 -9.81 13.75
CA ALA B 142 3.97 -9.99 15.09
C ALA B 142 3.57 -11.45 15.32
N ASP B 143 2.92 -12.07 14.33
CA ASP B 143 2.55 -13.48 14.46
C ASP B 143 3.77 -14.39 14.46
N LEU B 144 4.84 -13.97 13.76
CA LEU B 144 6.06 -14.78 13.77
C LEU B 144 6.77 -14.70 15.13
N HIS B 145 6.83 -13.51 15.72
CA HIS B 145 7.36 -13.39 17.08
C HIS B 145 6.58 -14.26 18.05
N ARG B 146 5.25 -14.26 17.93
CA ARG B 146 4.42 -15.10 18.81
C ARG B 146 4.74 -16.57 18.60
N ALA B 147 5.02 -16.98 17.37
CA ALA B 147 5.33 -18.38 17.10
C ALA B 147 6.63 -18.79 17.77
N CYS B 148 7.61 -17.88 17.85
CA CYS B 148 8.87 -18.21 18.51
C CYS B 148 8.68 -18.33 20.02
N ARG B 149 8.01 -17.35 20.63
CA ARG B 149 7.78 -17.40 22.08
C ARG B 149 7.24 -18.76 22.49
N GLU B 150 6.21 -19.24 21.79
CA GLU B 150 5.62 -20.54 22.08
C GLU B 150 6.44 -21.70 21.57
N LYS B 151 7.55 -21.43 20.87
CA LYS B 151 8.36 -22.49 20.26
C LYS B 151 7.52 -23.38 19.35
N ARG B 152 6.47 -22.80 18.75
CA ARG B 152 5.64 -23.50 17.79
C ARG B 152 6.50 -24.28 16.81
N ASP B 153 6.08 -25.50 16.51
CA ASP B 153 6.80 -26.33 15.55
C ASP B 153 6.70 -25.71 14.16
N PRO B 154 7.81 -25.36 13.52
CA PRO B 154 7.72 -24.76 12.18
C PRO B 154 7.12 -25.70 11.15
N ALA B 155 7.16 -27.01 11.38
CA ALA B 155 6.63 -27.98 10.44
C ALA B 155 5.16 -28.30 10.67
N SER B 156 4.54 -27.70 11.68
CA SER B 156 3.15 -27.98 11.98
C SER B 156 2.22 -27.16 11.07
N PRO B 157 0.95 -27.56 10.98
CA PRO B 157 0.01 -26.78 10.15
C PRO B 157 0.01 -25.30 10.46
N GLY B 158 -0.20 -24.91 11.72
CA GLY B 158 -0.19 -23.50 12.07
C GLY B 158 1.09 -22.80 11.68
N GLY B 159 2.22 -23.52 11.70
CA GLY B 159 3.48 -22.91 11.31
C GLY B 159 3.65 -22.78 9.81
N GLN B 160 3.10 -23.73 9.05
CA GLN B 160 3.23 -23.67 7.60
C GLN B 160 2.33 -22.58 7.00
N GLN B 161 1.24 -22.23 7.69
CA GLN B 161 0.45 -21.08 7.26
C GLN B 161 1.26 -19.80 7.34
N LEU B 162 2.18 -19.71 8.31
CA LEU B 162 3.02 -18.52 8.43
C LEU B 162 4.05 -18.44 7.30
N ALA B 163 4.66 -19.58 6.97
CA ALA B 163 5.56 -19.61 5.82
C ALA B 163 4.79 -19.33 4.53
N GLN B 164 3.55 -19.83 4.42
CA GLN B 164 2.70 -19.50 3.29
C GLN B 164 2.51 -17.99 3.20
N ARG B 165 2.12 -17.37 4.31
CA ARG B 165 1.91 -15.92 4.31
C ARG B 165 3.19 -15.18 3.94
N TRP B 166 4.33 -15.64 4.44
CA TRP B 166 5.58 -14.99 4.10
C TRP B 166 5.88 -15.11 2.61
N LEU B 167 5.70 -16.32 2.07
CA LEU B 167 5.95 -16.53 0.64
C LEU B 167 5.03 -15.64 -0.20
N ALA B 168 3.76 -15.53 0.19
CA ALA B 168 2.81 -14.72 -0.56
C ALA B 168 3.28 -13.26 -0.62
N LEU B 169 3.71 -12.71 0.52
CA LEU B 169 4.16 -11.32 0.53
C LEU B 169 5.52 -11.16 -0.17
N PHE B 170 6.39 -12.16 -0.06
CA PHE B 170 7.68 -12.11 -0.73
C PHE B 170 7.51 -12.19 -2.24
N GLN B 171 6.78 -13.20 -2.72
CA GLN B 171 6.54 -13.32 -4.14
C GLN B 171 5.82 -12.10 -4.71
N SER B 172 5.05 -11.40 -3.86
CA SER B 172 4.33 -10.22 -4.32
C SER B 172 5.25 -9.24 -5.05
N TYR B 173 6.46 -9.02 -4.52
CA TYR B 173 7.40 -8.09 -5.13
C TYR B 173 8.64 -8.75 -5.72
N ALA B 174 8.97 -9.97 -5.30
CA ALA B 174 10.12 -10.67 -5.85
C ALA B 174 9.78 -11.50 -7.08
N GLY B 175 8.50 -11.77 -7.32
CA GLY B 175 8.11 -12.66 -8.39
C GLY B 175 8.21 -14.11 -7.97
N LYS B 176 7.82 -14.99 -8.90
CA LYS B 176 7.83 -16.43 -8.66
C LYS B 176 9.00 -17.13 -9.32
N ASP B 177 9.92 -16.39 -9.93
CA ASP B 177 11.11 -16.99 -10.52
C ASP B 177 12.07 -17.42 -9.41
N ALA B 178 12.37 -18.72 -9.35
CA ALA B 178 13.23 -19.23 -8.29
C ALA B 178 14.63 -18.63 -8.35
N GLN B 179 15.13 -18.40 -9.57
CA GLN B 179 16.46 -17.80 -9.71
C GLN B 179 16.47 -16.37 -9.17
N THR B 180 15.42 -15.60 -9.47
CA THR B 180 15.33 -14.25 -8.94
C THR B 180 15.21 -14.26 -7.43
N GLN B 181 14.39 -15.16 -6.89
CA GLN B 181 14.21 -15.22 -5.44
C GLN B 181 15.53 -15.52 -4.74
N GLN B 182 16.37 -16.36 -5.35
CA GLN B 182 17.65 -16.69 -4.74
C GLN B 182 18.57 -15.47 -4.71
N LYS B 183 18.40 -14.56 -5.65
CA LYS B 183 19.17 -13.31 -5.62
C LYS B 183 18.76 -12.51 -4.38
N PHE B 184 17.48 -12.50 -4.05
CA PHE B 184 16.97 -11.76 -2.87
C PHE B 184 17.49 -12.39 -1.60
N ARG B 185 17.50 -13.72 -1.56
CA ARG B 185 18.00 -14.47 -0.39
C ARG B 185 19.49 -14.16 -0.22
N TYR B 186 20.25 -14.06 -1.30
CA TYR B 186 21.69 -13.74 -1.19
C TYR B 186 21.95 -12.30 -0.74
N ALA B 187 21.21 -11.34 -1.27
CA ALA B 187 21.39 -9.93 -0.90
C ALA B 187 21.10 -9.73 0.58
N MET B 188 20.12 -10.44 1.13
CA MET B 188 19.75 -10.37 2.56
C MET B 188 20.95 -10.81 3.41
N GLU B 189 21.67 -11.85 2.98
CA GLU B 189 22.85 -12.37 3.69
C GLU B 189 23.99 -11.38 3.59
N GLN B 190 24.12 -10.67 2.48
CA GLN B 190 25.25 -9.75 2.32
C GLN B 190 24.95 -8.31 2.71
N GLU B 191 23.71 -7.96 3.06
CA GLU B 191 23.40 -6.54 3.39
C GLU B 191 22.57 -6.42 4.68
N PRO B 192 23.15 -5.92 5.77
CA PRO B 192 22.43 -5.71 7.02
C PRO B 192 21.30 -4.68 6.87
N HIS B 193 21.47 -3.69 6.01
CA HIS B 193 20.45 -2.64 5.78
C HIS B 193 19.13 -3.22 5.33
N LEU B 194 19.11 -4.28 4.53
CA LEU B 194 17.87 -4.90 4.00
C LEU B 194 16.98 -5.42 5.11
N MET B 195 17.52 -5.70 6.28
CA MET B 195 16.68 -6.15 7.39
C MET B 195 16.41 -5.03 8.40
N LYS B 196 16.90 -3.82 8.17
CA LYS B 196 16.49 -2.68 8.97
C LYS B 196 15.00 -2.43 8.77
N GLY B 197 14.34 -1.97 9.82
CA GLY B 197 12.93 -1.65 9.73
C GLY B 197 12.05 -2.84 9.41
N THR B 198 12.46 -4.04 9.82
CA THR B 198 11.63 -5.22 9.68
C THR B 198 11.15 -5.77 11.02
N TRP B 199 11.71 -5.30 12.14
CA TRP B 199 11.41 -5.82 13.47
C TRP B 199 11.68 -7.32 13.58
N MET B 200 12.51 -7.85 12.69
CA MET B 200 12.89 -9.26 12.72
C MET B 200 14.18 -9.45 13.51
N THR B 201 14.21 -10.49 14.33
CA THR B 201 15.40 -10.87 15.10
C THR B 201 15.98 -12.15 14.52
N SER B 202 17.23 -12.44 14.89
CA SER B 202 17.85 -13.67 14.45
C SER B 202 17.04 -14.89 14.90
N GLU B 203 16.38 -14.79 16.06
CA GLU B 203 15.57 -15.89 16.55
C GLU B 203 14.35 -16.11 15.66
N VAL B 204 13.66 -15.02 15.30
CA VAL B 204 12.51 -15.14 14.41
C VAL B 204 12.95 -15.55 13.01
N LEU B 205 14.03 -14.96 12.51
CA LEU B 205 14.51 -15.32 11.19
C LEU B 205 14.89 -16.79 11.11
N SER B 206 15.44 -17.34 12.19
CA SER B 206 15.78 -18.76 12.22
C SER B 206 14.52 -19.62 12.18
N TRP B 207 13.51 -19.26 12.98
CA TRP B 207 12.26 -20.00 12.97
C TRP B 207 11.61 -19.94 11.60
N LEU B 208 11.52 -18.73 11.03
CA LEU B 208 10.92 -18.57 9.71
C LEU B 208 11.64 -19.43 8.66
N GLN B 209 12.97 -19.46 8.73
CA GLN B 209 13.74 -20.19 7.72
C GLN B 209 13.61 -21.70 7.89
N GLN B 210 13.29 -22.19 9.09
CA GLN B 210 12.96 -23.61 9.23
C GLN B 210 11.61 -23.91 8.61
N ALA B 211 10.62 -23.04 8.82
CA ALA B 211 9.29 -23.26 8.28
C ALA B 211 9.27 -23.15 6.76
N ILE B 212 10.11 -22.27 6.19
CA ILE B 212 10.22 -22.19 4.75
C ILE B 212 10.91 -23.42 4.19
N GLY B 213 11.94 -23.91 4.89
CA GLY B 213 12.60 -25.14 4.45
C GLY B 213 11.63 -26.29 4.33
N VAL B 214 10.78 -26.48 5.35
CA VAL B 214 9.78 -27.53 5.30
C VAL B 214 8.84 -27.31 4.13
N MET B 215 8.63 -26.06 3.72
CA MET B 215 7.71 -25.77 2.63
C MET B 215 8.32 -26.07 1.26
N MET B 216 9.56 -25.65 1.05
CA MET B 216 10.24 -25.89 -0.23
C MET B 216 10.91 -27.27 -0.27
N ARG B 217 10.30 -28.26 0.39
CA ARG B 217 10.94 -29.58 0.46
C ARG B 217 11.04 -30.21 -0.93
N GLN B 218 9.99 -30.09 -1.74
CA GLN B 218 10.03 -30.60 -3.11
C GLN B 218 10.77 -29.62 -4.01
#